data_1JQ1
# 
_entry.id   1JQ1 
# 
_audit_conform.dict_name       mmcif_pdbx.dic 
_audit_conform.dict_version    5.392 
_audit_conform.dict_location   http://mmcif.pdb.org/dictionaries/ascii/mmcif_pdbx.dic 
# 
loop_
_database_2.database_id 
_database_2.database_code 
_database_2.pdbx_database_accession 
_database_2.pdbx_DOI 
PDB   1JQ1         pdb_00001jq1 10.2210/pdb1jq1/pdb 
RCSB  RCSB014053   ?            ?                   
WWPDB D_1000014053 ?            ?                   
# 
loop_
_pdbx_audit_revision_history.ordinal 
_pdbx_audit_revision_history.data_content_type 
_pdbx_audit_revision_history.major_revision 
_pdbx_audit_revision_history.minor_revision 
_pdbx_audit_revision_history.revision_date 
1 'Structure model' 1 0 2001-10-03 
2 'Structure model' 1 1 2008-04-27 
3 'Structure model' 1 2 2011-07-13 
4 'Structure model' 1 3 2021-10-27 
5 'Structure model' 1 4 2024-05-22 
# 
_pdbx_audit_revision_details.ordinal             1 
_pdbx_audit_revision_details.revision_ordinal    1 
_pdbx_audit_revision_details.data_content_type   'Structure model' 
_pdbx_audit_revision_details.provider            repository 
_pdbx_audit_revision_details.type                'Initial release' 
_pdbx_audit_revision_details.description         ? 
_pdbx_audit_revision_details.details             ? 
# 
loop_
_pdbx_audit_revision_group.ordinal 
_pdbx_audit_revision_group.revision_ordinal 
_pdbx_audit_revision_group.data_content_type 
_pdbx_audit_revision_group.group 
1 2 'Structure model' 'Version format compliance' 
2 3 'Structure model' 'Version format compliance' 
3 4 'Structure model' 'Data collection'           
4 4 'Structure model' 'Database references'       
5 4 'Structure model' 'Derived calculations'      
6 5 'Structure model' 'Data collection'           
# 
loop_
_pdbx_audit_revision_category.ordinal 
_pdbx_audit_revision_category.revision_ordinal 
_pdbx_audit_revision_category.data_content_type 
_pdbx_audit_revision_category.category 
1 4 'Structure model' database_2            
2 4 'Structure model' pdbx_nmr_software     
3 4 'Structure model' pdbx_struct_assembly  
4 4 'Structure model' pdbx_struct_oper_list 
5 4 'Structure model' struct_ref_seq_dif    
6 5 'Structure model' chem_comp_atom        
7 5 'Structure model' chem_comp_bond        
# 
loop_
_pdbx_audit_revision_item.ordinal 
_pdbx_audit_revision_item.revision_ordinal 
_pdbx_audit_revision_item.data_content_type 
_pdbx_audit_revision_item.item 
1 4 'Structure model' '_database_2.pdbx_DOI'                
2 4 'Structure model' '_database_2.pdbx_database_accession' 
3 4 'Structure model' '_pdbx_nmr_software.name'             
4 4 'Structure model' '_struct_ref_seq_dif.details'         
# 
_pdbx_database_status.status_code                     REL 
_pdbx_database_status.entry_id                        1JQ1 
_pdbx_database_status.recvd_initial_deposition_date   2001-08-03 
_pdbx_database_status.deposit_site                    RCSB 
_pdbx_database_status.process_site                    RCSB 
_pdbx_database_status.SG_entry                        . 
_pdbx_database_status.pdb_format_compatible           Y 
_pdbx_database_status.status_code_mr                  ? 
_pdbx_database_status.status_code_sf                  ? 
_pdbx_database_status.status_code_cs                  ? 
_pdbx_database_status.status_code_nmr_data            ? 
_pdbx_database_status.methods_development_category    ? 
# 
_pdbx_database_related.db_name        PDB 
_pdbx_database_related.db_id          1JQ2 
_pdbx_database_related.details        '1JQ2 contains the ensemble' 
_pdbx_database_related.content_type   unspecified 
# 
loop_
_audit_author.name 
_audit_author.pdbx_ordinal 
'Liu, Y.-S.'       1 
'Sompornpisut, P.' 2 
'Perozo, E.'       3 
# 
loop_
_citation.id 
_citation.title 
_citation.journal_abbrev 
_citation.journal_volume 
_citation.page_first 
_citation.page_last 
_citation.year 
_citation.journal_id_ASTM 
_citation.country 
_citation.journal_id_ISSN 
_citation.journal_id_CSD 
_citation.book_publisher 
_citation.pdbx_database_id_PubMed 
_citation.pdbx_database_id_DOI 
primary 'Structure of the KcsA channel intracellular gate in the open state.'                               Nat.Struct.Biol.  8   
883 887 2001 NSBIEW US 1072-8368 2024 ? 11573095 10.1038/nsb1001-883         
1       'Calculation of Rigid Body Conformational Changes Using Restraint-Driven Cartesian Transformations' 'TO BE PUBLISHED' ?   
?   ?   ?    ?      ?  ?         0353 ? ?        ?                           
2       'Structural Rearrangements Underlying K+-Channel Activation Gating'                                 Science           285 
73  78  1999 SCIEAS US 0036-8075 0038 ? ?        10.1126/science.285.5424.73 
3       'The Structure of the Potassium Channel: Molecular Basis of K+ Conduction and Selectivity'          Science           280 
69  77  1998 SCIEAS US 0036-8075 0038 ? ?        10.1126/science.280.5360.69 
# 
loop_
_citation_author.citation_id 
_citation_author.name 
_citation_author.ordinal 
_citation_author.identifier_ORCID 
primary 'Liu, Y.S.'         1  ? 
primary 'Sompornpisut, P.'  2  ? 
primary 'Perozo, E.'        3  ? 
1       'Sompornpisut, P.'  4  ? 
1       'Liu, Y.-S.'        5  ? 
1       'Perozo, E.'        6  ? 
2       'Perozo, E.'        7  ? 
2       'Cortes, D.M.'      8  ? 
2       'Cuello, L.G.'      9  ? 
3       'Doyle, D.A.'       10 ? 
3       'Morais Cabral, J.' 11 ? 
3       'Pfuetzner, R.A.'   12 ? 
3       'Kuo, A.'           13 ? 
3       'Gulbis, J.M.'      14 ? 
3       'Cohen, S.L.'       15 ? 
3       'Chait, B.T.'       16 ? 
3       'Mackinnon, R.'     17 ? 
# 
_entity.id                         1 
_entity.type                       polymer 
_entity.src_method                 man 
_entity.pdbx_description           'VOLTAGE-GATED POTASSIUM CHANNEL' 
_entity.formula_weight             3611.283 
_entity.pdbx_number_of_molecules   4 
_entity.pdbx_ec                    ? 
_entity.pdbx_mutation              ? 
_entity.pdbx_fragment              'INNER TRANSMEMBRANE SEGMENT (residues 86-119)' 
_entity.details                    ? 
# 
_entity_poly.entity_id                      1 
_entity_poly.type                           'polypeptide(L)' 
_entity_poly.nstd_linkage                   no 
_entity_poly.nstd_monomer                   no 
_entity_poly.pdbx_seq_one_letter_code       LWGRCVAVVVMVAGITSFGLVTAALATWFVGREQ 
_entity_poly.pdbx_seq_one_letter_code_can   LWGRCVAVVVMVAGITSFGLVTAALATWFVGREQ 
_entity_poly.pdbx_strand_id                 A,B,C,D 
_entity_poly.pdbx_target_identifier         ? 
# 
loop_
_entity_poly_seq.entity_id 
_entity_poly_seq.num 
_entity_poly_seq.mon_id 
_entity_poly_seq.hetero 
1 1  LEU n 
1 2  TRP n 
1 3  GLY n 
1 4  ARG n 
1 5  CYS n 
1 6  VAL n 
1 7  ALA n 
1 8  VAL n 
1 9  VAL n 
1 10 VAL n 
1 11 MET n 
1 12 VAL n 
1 13 ALA n 
1 14 GLY n 
1 15 ILE n 
1 16 THR n 
1 17 SER n 
1 18 PHE n 
1 19 GLY n 
1 20 LEU n 
1 21 VAL n 
1 22 THR n 
1 23 ALA n 
1 24 ALA n 
1 25 LEU n 
1 26 ALA n 
1 27 THR n 
1 28 TRP n 
1 29 PHE n 
1 30 VAL n 
1 31 GLY n 
1 32 ARG n 
1 33 GLU n 
1 34 GLN n 
# 
_entity_src_gen.entity_id                          1 
_entity_src_gen.pdbx_src_id                        1 
_entity_src_gen.pdbx_alt_source_flag               sample 
_entity_src_gen.pdbx_seq_type                      ? 
_entity_src_gen.pdbx_beg_seq_num                   ? 
_entity_src_gen.pdbx_end_seq_num                   ? 
_entity_src_gen.gene_src_common_name               ? 
_entity_src_gen.gene_src_genus                     Streptomyces 
_entity_src_gen.pdbx_gene_src_gene                 ? 
_entity_src_gen.gene_src_species                   ? 
_entity_src_gen.gene_src_strain                    ? 
_entity_src_gen.gene_src_tissue                    ? 
_entity_src_gen.gene_src_tissue_fraction           ? 
_entity_src_gen.gene_src_details                   ? 
_entity_src_gen.pdbx_gene_src_fragment             ? 
_entity_src_gen.pdbx_gene_src_scientific_name      'Streptomyces lividans' 
_entity_src_gen.pdbx_gene_src_ncbi_taxonomy_id     1916 
_entity_src_gen.pdbx_gene_src_variant              ? 
_entity_src_gen.pdbx_gene_src_cell_line            ? 
_entity_src_gen.pdbx_gene_src_atcc                 ? 
_entity_src_gen.pdbx_gene_src_organ                ? 
_entity_src_gen.pdbx_gene_src_organelle            ? 
_entity_src_gen.pdbx_gene_src_cell                 ? 
_entity_src_gen.pdbx_gene_src_cellular_location    ? 
_entity_src_gen.host_org_common_name               ? 
_entity_src_gen.pdbx_host_org_scientific_name      'Escherichia coli' 
_entity_src_gen.pdbx_host_org_ncbi_taxonomy_id     562 
_entity_src_gen.host_org_genus                     Escherichia 
_entity_src_gen.pdbx_host_org_gene                 ? 
_entity_src_gen.pdbx_host_org_organ                ? 
_entity_src_gen.host_org_species                   ? 
_entity_src_gen.pdbx_host_org_tissue               ? 
_entity_src_gen.pdbx_host_org_tissue_fraction      ? 
_entity_src_gen.pdbx_host_org_strain               'XL-2 BLUE' 
_entity_src_gen.pdbx_host_org_variant              ? 
_entity_src_gen.pdbx_host_org_cell_line            ? 
_entity_src_gen.pdbx_host_org_atcc                 ? 
_entity_src_gen.pdbx_host_org_culture_collection   ? 
_entity_src_gen.pdbx_host_org_cell                 ? 
_entity_src_gen.pdbx_host_org_organelle            ? 
_entity_src_gen.pdbx_host_org_cellular_location    ? 
_entity_src_gen.pdbx_host_org_vector_type          PLASMID 
_entity_src_gen.pdbx_host_org_vector               ? 
_entity_src_gen.host_org_details                   ? 
_entity_src_gen.expression_system_id               ? 
_entity_src_gen.plasmid_name                       PQE32 
_entity_src_gen.plasmid_details                    ? 
_entity_src_gen.pdbx_description                   ? 
# 
loop_
_chem_comp.id 
_chem_comp.type 
_chem_comp.mon_nstd_flag 
_chem_comp.name 
_chem_comp.pdbx_synonyms 
_chem_comp.formula 
_chem_comp.formula_weight 
ALA 'L-peptide linking' y ALANINE         ? 'C3 H7 N O2'     89.093  
ARG 'L-peptide linking' y ARGININE        ? 'C6 H15 N4 O2 1' 175.209 
CYS 'L-peptide linking' y CYSTEINE        ? 'C3 H7 N O2 S'   121.158 
GLN 'L-peptide linking' y GLUTAMINE       ? 'C5 H10 N2 O3'   146.144 
GLU 'L-peptide linking' y 'GLUTAMIC ACID' ? 'C5 H9 N O4'     147.129 
GLY 'peptide linking'   y GLYCINE         ? 'C2 H5 N O2'     75.067  
ILE 'L-peptide linking' y ISOLEUCINE      ? 'C6 H13 N O2'    131.173 
LEU 'L-peptide linking' y LEUCINE         ? 'C6 H13 N O2'    131.173 
MET 'L-peptide linking' y METHIONINE      ? 'C5 H11 N O2 S'  149.211 
PHE 'L-peptide linking' y PHENYLALANINE   ? 'C9 H11 N O2'    165.189 
SER 'L-peptide linking' y SERINE          ? 'C3 H7 N O3'     105.093 
THR 'L-peptide linking' y THREONINE       ? 'C4 H9 N O3'     119.119 
TRP 'L-peptide linking' y TRYPTOPHAN      ? 'C11 H12 N2 O2'  204.225 
VAL 'L-peptide linking' y VALINE          ? 'C5 H11 N O2'    117.146 
# 
loop_
_pdbx_poly_seq_scheme.asym_id 
_pdbx_poly_seq_scheme.entity_id 
_pdbx_poly_seq_scheme.seq_id 
_pdbx_poly_seq_scheme.mon_id 
_pdbx_poly_seq_scheme.ndb_seq_num 
_pdbx_poly_seq_scheme.pdb_seq_num 
_pdbx_poly_seq_scheme.auth_seq_num 
_pdbx_poly_seq_scheme.pdb_mon_id 
_pdbx_poly_seq_scheme.auth_mon_id 
_pdbx_poly_seq_scheme.pdb_strand_id 
_pdbx_poly_seq_scheme.pdb_ins_code 
_pdbx_poly_seq_scheme.hetero 
A 1 1  LEU 1  86  86  LEU LEU A . n 
A 1 2  TRP 2  87  87  TRP TRP A . n 
A 1 3  GLY 3  88  88  GLY GLY A . n 
A 1 4  ARG 4  89  89  ARG ARG A . n 
A 1 5  CYS 5  90  90  CYS CYS A . n 
A 1 6  VAL 6  91  91  VAL VAL A . n 
A 1 7  ALA 7  92  92  ALA ALA A . n 
A 1 8  VAL 8  93  93  VAL VAL A . n 
A 1 9  VAL 9  94  94  VAL VAL A . n 
A 1 10 VAL 10 95  95  VAL VAL A . n 
A 1 11 MET 11 96  96  MET MET A . n 
A 1 12 VAL 12 97  97  VAL VAL A . n 
A 1 13 ALA 13 98  98  ALA ALA A . n 
A 1 14 GLY 14 99  99  GLY GLY A . n 
A 1 15 ILE 15 100 100 ILE ILE A . n 
A 1 16 THR 16 101 101 THR THR A . n 
A 1 17 SER 17 102 102 SER SER A . n 
A 1 18 PHE 18 103 103 PHE PHE A . n 
A 1 19 GLY 19 104 104 GLY GLY A . n 
A 1 20 LEU 20 105 105 LEU LEU A . n 
A 1 21 VAL 21 106 106 VAL VAL A . n 
A 1 22 THR 22 107 107 THR THR A . n 
A 1 23 ALA 23 108 108 ALA ALA A . n 
A 1 24 ALA 24 109 109 ALA ALA A . n 
A 1 25 LEU 25 110 110 LEU LEU A . n 
A 1 26 ALA 26 111 111 ALA ALA A . n 
A 1 27 THR 27 112 112 THR THR A . n 
A 1 28 TRP 28 113 113 TRP TRP A . n 
A 1 29 PHE 29 114 114 PHE PHE A . n 
A 1 30 VAL 30 115 115 VAL VAL A . n 
A 1 31 GLY 31 116 116 GLY GLY A . n 
A 1 32 ARG 32 117 117 ARG ARG A . n 
A 1 33 GLU 33 118 118 GLU GLU A . n 
A 1 34 GLN 34 119 119 GLN GLN A . n 
B 1 1  LEU 1  86  86  LEU LEU B . n 
B 1 2  TRP 2  87  87  TRP TRP B . n 
B 1 3  GLY 3  88  88  GLY GLY B . n 
B 1 4  ARG 4  89  89  ARG ARG B . n 
B 1 5  CYS 5  90  90  CYS CYS B . n 
B 1 6  VAL 6  91  91  VAL VAL B . n 
B 1 7  ALA 7  92  92  ALA ALA B . n 
B 1 8  VAL 8  93  93  VAL VAL B . n 
B 1 9  VAL 9  94  94  VAL VAL B . n 
B 1 10 VAL 10 95  95  VAL VAL B . n 
B 1 11 MET 11 96  96  MET MET B . n 
B 1 12 VAL 12 97  97  VAL VAL B . n 
B 1 13 ALA 13 98  98  ALA ALA B . n 
B 1 14 GLY 14 99  99  GLY GLY B . n 
B 1 15 ILE 15 100 100 ILE ILE B . n 
B 1 16 THR 16 101 101 THR THR B . n 
B 1 17 SER 17 102 102 SER SER B . n 
B 1 18 PHE 18 103 103 PHE PHE B . n 
B 1 19 GLY 19 104 104 GLY GLY B . n 
B 1 20 LEU 20 105 105 LEU LEU B . n 
B 1 21 VAL 21 106 106 VAL VAL B . n 
B 1 22 THR 22 107 107 THR THR B . n 
B 1 23 ALA 23 108 108 ALA ALA B . n 
B 1 24 ALA 24 109 109 ALA ALA B . n 
B 1 25 LEU 25 110 110 LEU LEU B . n 
B 1 26 ALA 26 111 111 ALA ALA B . n 
B 1 27 THR 27 112 112 THR THR B . n 
B 1 28 TRP 28 113 113 TRP TRP B . n 
B 1 29 PHE 29 114 114 PHE PHE B . n 
B 1 30 VAL 30 115 115 VAL VAL B . n 
B 1 31 GLY 31 116 116 GLY GLY B . n 
B 1 32 ARG 32 117 117 ARG ARG B . n 
B 1 33 GLU 33 118 118 GLU GLU B . n 
B 1 34 GLN 34 119 119 GLN GLN B . n 
C 1 1  LEU 1  86  86  LEU LEU C . n 
C 1 2  TRP 2  87  87  TRP TRP C . n 
C 1 3  GLY 3  88  88  GLY GLY C . n 
C 1 4  ARG 4  89  89  ARG ARG C . n 
C 1 5  CYS 5  90  90  CYS CYS C . n 
C 1 6  VAL 6  91  91  VAL VAL C . n 
C 1 7  ALA 7  92  92  ALA ALA C . n 
C 1 8  VAL 8  93  93  VAL VAL C . n 
C 1 9  VAL 9  94  94  VAL VAL C . n 
C 1 10 VAL 10 95  95  VAL VAL C . n 
C 1 11 MET 11 96  96  MET MET C . n 
C 1 12 VAL 12 97  97  VAL VAL C . n 
C 1 13 ALA 13 98  98  ALA ALA C . n 
C 1 14 GLY 14 99  99  GLY GLY C . n 
C 1 15 ILE 15 100 100 ILE ILE C . n 
C 1 16 THR 16 101 101 THR THR C . n 
C 1 17 SER 17 102 102 SER SER C . n 
C 1 18 PHE 18 103 103 PHE PHE C . n 
C 1 19 GLY 19 104 104 GLY GLY C . n 
C 1 20 LEU 20 105 105 LEU LEU C . n 
C 1 21 VAL 21 106 106 VAL VAL C . n 
C 1 22 THR 22 107 107 THR THR C . n 
C 1 23 ALA 23 108 108 ALA ALA C . n 
C 1 24 ALA 24 109 109 ALA ALA C . n 
C 1 25 LEU 25 110 110 LEU LEU C . n 
C 1 26 ALA 26 111 111 ALA ALA C . n 
C 1 27 THR 27 112 112 THR THR C . n 
C 1 28 TRP 28 113 113 TRP TRP C . n 
C 1 29 PHE 29 114 114 PHE PHE C . n 
C 1 30 VAL 30 115 115 VAL VAL C . n 
C 1 31 GLY 31 116 116 GLY GLY C . n 
C 1 32 ARG 32 117 117 ARG ARG C . n 
C 1 33 GLU 33 118 118 GLU GLU C . n 
C 1 34 GLN 34 119 119 GLN GLN C . n 
D 1 1  LEU 1  86  86  LEU LEU D . n 
D 1 2  TRP 2  87  87  TRP TRP D . n 
D 1 3  GLY 3  88  88  GLY GLY D . n 
D 1 4  ARG 4  89  89  ARG ARG D . n 
D 1 5  CYS 5  90  90  CYS CYS D . n 
D 1 6  VAL 6  91  91  VAL VAL D . n 
D 1 7  ALA 7  92  92  ALA ALA D . n 
D 1 8  VAL 8  93  93  VAL VAL D . n 
D 1 9  VAL 9  94  94  VAL VAL D . n 
D 1 10 VAL 10 95  95  VAL VAL D . n 
D 1 11 MET 11 96  96  MET MET D . n 
D 1 12 VAL 12 97  97  VAL VAL D . n 
D 1 13 ALA 13 98  98  ALA ALA D . n 
D 1 14 GLY 14 99  99  GLY GLY D . n 
D 1 15 ILE 15 100 100 ILE ILE D . n 
D 1 16 THR 16 101 101 THR THR D . n 
D 1 17 SER 17 102 102 SER SER D . n 
D 1 18 PHE 18 103 103 PHE PHE D . n 
D 1 19 GLY 19 104 104 GLY GLY D . n 
D 1 20 LEU 20 105 105 LEU LEU D . n 
D 1 21 VAL 21 106 106 VAL VAL D . n 
D 1 22 THR 22 107 107 THR THR D . n 
D 1 23 ALA 23 108 108 ALA ALA D . n 
D 1 24 ALA 24 109 109 ALA ALA D . n 
D 1 25 LEU 25 110 110 LEU LEU D . n 
D 1 26 ALA 26 111 111 ALA ALA D . n 
D 1 27 THR 27 112 112 THR THR D . n 
D 1 28 TRP 28 113 113 TRP TRP D . n 
D 1 29 PHE 29 114 114 PHE PHE D . n 
D 1 30 VAL 30 115 115 VAL VAL D . n 
D 1 31 GLY 31 116 116 GLY GLY D . n 
D 1 32 ARG 32 117 117 ARG ARG D . n 
D 1 33 GLU 33 118 118 GLU GLU D . n 
D 1 34 GLN 34 119 119 GLN GLN D . n 
# 
_cell.entry_id           1JQ1 
_cell.length_a           ? 
_cell.length_b           ? 
_cell.length_c           ? 
_cell.angle_alpha        ? 
_cell.angle_beta         ? 
_cell.angle_gamma        ? 
_cell.Z_PDB              1 
_cell.pdbx_unique_axis   ? 
# 
_exptl.entry_id          1JQ1 
_exptl.method            'SOLUTION NMR' 
_exptl.crystals_number   ? 
# 
_exptl_crystal.id                    1 
_exptl_crystal.density_meas          ? 
_exptl_crystal.density_percent_sol   ? 
_exptl_crystal.density_Matthews      ? 
_exptl_crystal.description           ? 
# 
_diffrn.id                     1 
_diffrn.ambient_temp           ? 
_diffrn.ambient_temp_details   ? 
_diffrn.crystal_id             1 
# 
_diffrn_radiation.diffrn_id                        1 
_diffrn_radiation.wavelength_id                    1 
_diffrn_radiation.monochromator                    ? 
_diffrn_radiation.pdbx_monochromatic_or_laue_m_l   M 
_diffrn_radiation.pdbx_diffrn_protocol             'SINGLE WAVELENGTH' 
_diffrn_radiation.pdbx_scattering_type             ? 
# 
_diffrn_radiation_wavelength.id           1 
_diffrn_radiation_wavelength.wavelength   . 
_diffrn_radiation_wavelength.wt           1.0 
# 
_struct.entry_id                  1JQ1 
_struct.title                     'POTASSIUM CHANNEL (KCSA) OPEN GATE MODEL' 
_struct.pdbx_model_details        ? 
_struct.pdbx_CASP_flag            ? 
_struct.pdbx_model_type_details   'minimized average' 
# 
_struct_keywords.entry_id        1JQ1 
_struct_keywords.pdbx_keywords   'MEMBRANE PROTEIN' 
_struct_keywords.text            'POTASSIUM CHANNEL, INTEGRAL MEMBRANE PROTEIN, OPEN STATE, MEMBRANE PROTEIN' 
# 
loop_
_struct_asym.id 
_struct_asym.pdbx_blank_PDB_chainid_flag 
_struct_asym.pdbx_modified 
_struct_asym.entity_id 
_struct_asym.details 
A N N 1 ? 
B N N 1 ? 
C N N 1 ? 
D N N 1 ? 
# 
_struct_ref.id                         1 
_struct_ref.db_name                    UNP 
_struct_ref.db_code                    KCSA_STRLI 
_struct_ref.entity_id                  1 
_struct_ref.pdbx_seq_one_letter_code   LWGRLVAVVVMVAGITSFGLVTAALATWFVGREQ 
_struct_ref.pdbx_align_begin           86 
_struct_ref.pdbx_db_accession          P0A334 
_struct_ref.pdbx_db_isoform            ? 
# 
loop_
_struct_ref_seq.align_id 
_struct_ref_seq.ref_id 
_struct_ref_seq.pdbx_PDB_id_code 
_struct_ref_seq.pdbx_strand_id 
_struct_ref_seq.seq_align_beg 
_struct_ref_seq.pdbx_seq_align_beg_ins_code 
_struct_ref_seq.seq_align_end 
_struct_ref_seq.pdbx_seq_align_end_ins_code 
_struct_ref_seq.pdbx_db_accession 
_struct_ref_seq.db_align_beg 
_struct_ref_seq.pdbx_db_align_beg_ins_code 
_struct_ref_seq.db_align_end 
_struct_ref_seq.pdbx_db_align_end_ins_code 
_struct_ref_seq.pdbx_auth_seq_align_beg 
_struct_ref_seq.pdbx_auth_seq_align_end 
1 1 1JQ1 A 1 ? 34 ? P0A334 86 ? 119 ? 86 119 
2 1 1JQ1 B 1 ? 34 ? P0A334 86 ? 119 ? 86 119 
3 1 1JQ1 C 1 ? 34 ? P0A334 86 ? 119 ? 86 119 
4 1 1JQ1 D 1 ? 34 ? P0A334 86 ? 119 ? 86 119 
# 
loop_
_struct_ref_seq_dif.align_id 
_struct_ref_seq_dif.pdbx_pdb_id_code 
_struct_ref_seq_dif.mon_id 
_struct_ref_seq_dif.pdbx_pdb_strand_id 
_struct_ref_seq_dif.seq_num 
_struct_ref_seq_dif.pdbx_pdb_ins_code 
_struct_ref_seq_dif.pdbx_seq_db_name 
_struct_ref_seq_dif.pdbx_seq_db_accession_code 
_struct_ref_seq_dif.db_mon_id 
_struct_ref_seq_dif.pdbx_seq_db_seq_num 
_struct_ref_seq_dif.details 
_struct_ref_seq_dif.pdbx_auth_seq_num 
_struct_ref_seq_dif.pdbx_ordinal 
1 1JQ1 CYS A 5 ? UNP P0A334 LEU 90 'engineered mutation' 90 1 
2 1JQ1 CYS B 5 ? UNP P0A334 LEU 90 'engineered mutation' 90 2 
3 1JQ1 CYS C 5 ? UNP P0A334 LEU 90 'engineered mutation' 90 3 
4 1JQ1 CYS D 5 ? UNP P0A334 LEU 90 'engineered mutation' 90 4 
# 
_pdbx_struct_assembly.id                   1 
_pdbx_struct_assembly.details              author_defined_assembly 
_pdbx_struct_assembly.method_details       ? 
_pdbx_struct_assembly.oligomeric_details   tetrameric 
_pdbx_struct_assembly.oligomeric_count     4 
# 
_pdbx_struct_assembly_gen.assembly_id       1 
_pdbx_struct_assembly_gen.oper_expression   1 
_pdbx_struct_assembly_gen.asym_id_list      A,B,C,D 
# 
_pdbx_struct_oper_list.id                   1 
_pdbx_struct_oper_list.type                 'identity operation' 
_pdbx_struct_oper_list.name                 1_555 
_pdbx_struct_oper_list.symmetry_operation   ? 
_pdbx_struct_oper_list.matrix[1][1]         1.0000000000 
_pdbx_struct_oper_list.matrix[1][2]         0.0000000000 
_pdbx_struct_oper_list.matrix[1][3]         0.0000000000 
_pdbx_struct_oper_list.vector[1]            0.0000000000 
_pdbx_struct_oper_list.matrix[2][1]         0.0000000000 
_pdbx_struct_oper_list.matrix[2][2]         1.0000000000 
_pdbx_struct_oper_list.matrix[2][3]         0.0000000000 
_pdbx_struct_oper_list.vector[2]            0.0000000000 
_pdbx_struct_oper_list.matrix[3][1]         0.0000000000 
_pdbx_struct_oper_list.matrix[3][2]         0.0000000000 
_pdbx_struct_oper_list.matrix[3][3]         1.0000000000 
_pdbx_struct_oper_list.vector[3]            0.0000000000 
# 
_struct_biol.id   1 
# 
_pdbx_database_remark.id     99 
_pdbx_database_remark.text   
;The structure contains only alpha-carbons because 
the experimental data used to calculate the structures 
are good enough only to the backbone level.
;
# 
_pdbx_nmr_ensemble.entry_id                             1JQ1 
_pdbx_nmr_ensemble.conformers_calculated_total_number   ? 
_pdbx_nmr_ensemble.conformers_submitted_total_number    1 
_pdbx_nmr_ensemble.conformer_selection_criteria         ? 
# 
_pdbx_nmr_representative.entry_id             1JQ1 
_pdbx_nmr_representative.conformer_id         ? 
_pdbx_nmr_representative.selection_criteria   'minimized average structure' 
# 
_pdbx_nmr_sample_details.solution_id      1 
_pdbx_nmr_sample_details.contents         '1.0 MG/ML MIXED WITH METHANETHIOSULFONATE SPIN LABEL' 
_pdbx_nmr_sample_details.solvent_system   'THE SAMPLES WERE RECONSTITUTED INTO ASOLECTIN LIPOSOMES AT A 1:400 PROTEIN:LIPID RATIO' 
# 
loop_
_pdbx_nmr_exptl_sample_conditions.conditions_id 
_pdbx_nmr_exptl_sample_conditions.temperature 
_pdbx_nmr_exptl_sample_conditions.pressure 
_pdbx_nmr_exptl_sample_conditions.pH 
_pdbx_nmr_exptl_sample_conditions.ionic_strength 
_pdbx_nmr_exptl_sample_conditions.pressure_units 
_pdbx_nmr_exptl_sample_conditions.temperature_units 
1 150.0 1 7.0 '20 mM CITRATE PHOSPHATE' atm K 
2 150.0 1 4.0 '20 mM CITRATE PHOSPHATE' atm K 
# 
_pdbx_nmr_exptl.experiment_id   1 
_pdbx_nmr_exptl.conditions_id   1 
_pdbx_nmr_exptl.type            'CONTINUOUS WAVE EPR' 
_pdbx_nmr_exptl.solution_id     1 
# 
_pdbx_nmr_refine.entry_id           1JQ1 
_pdbx_nmr_refine.method             
;FOURIER DECONVOLUTION, CONFORMATIONAL GRID SEARCH A CARTESAIN 
REPRESENTATION MOLECULAR MECHANIC ENERGY MINIMIZATION
;
_pdbx_nmr_refine.details            
;THE STRUCTURE ARE BASED ON: 1) TEN PAIRS OF INTER-SUBUNIT DISTANCES FOR THE KCSA INNER 
HELICAL BUNDLE IN THE CLOSED AND THE OPEN STATES AND 2) THE USE OF THE CRYSTAL STRUCTURE 
AS THE CHANNEL IN THE CLOSED STATE, AND AS THE REFERENCE STRUCTURE. THE COMPUTER PROGRAM 
REDCAT SEARCHES (RESTRAINT-DRIVEN CARTESIAN TRANSFORMATION) BASED ON THE EXHAUSTIVE SAMPLING 
OF RIGID-BODY MOVEMENT IN CARTESIAN SPACE FOR THE TM2 INNER BUNDLE IN THE OPEN STATE WERE 
ALLOWED TO CONVERGE TO A MINIMAL PENALTY VALUE. THE ENSEMBLE OF THE 50 LOWEST PENALTY 
CONFORMERS WAS SUBJECTED TO MOLECULAR MECHANIC ENERGY MINIMIZATION. FINAL REFINEMENT WAS 
PERFORMED ON THE AVERAGE OPEN HELICAL BUNDLE BY ENERGY MINIMIZATION.
;
_pdbx_nmr_refine.software_ordinal   1 
# 
loop_
_pdbx_nmr_software.classification 
_pdbx_nmr_software.name 
_pdbx_nmr_software.version 
_pdbx_nmr_software.authors 
_pdbx_nmr_software.ordinal 
refinement           Amber         6.0  'D.A.CASE ET.AL.'       1 
processing           'EPR AQUISIT' 2.32 BRUKER                  2 
'structure solution' REDCAT        ?    'P.SOMPORNPISUT ET.AL.' 3 
# 
loop_
_chem_comp_atom.comp_id 
_chem_comp_atom.atom_id 
_chem_comp_atom.type_symbol 
_chem_comp_atom.pdbx_aromatic_flag 
_chem_comp_atom.pdbx_stereo_config 
_chem_comp_atom.pdbx_ordinal 
ALA N    N N N 1   
ALA CA   C N S 2   
ALA C    C N N 3   
ALA O    O N N 4   
ALA CB   C N N 5   
ALA OXT  O N N 6   
ALA H    H N N 7   
ALA H2   H N N 8   
ALA HA   H N N 9   
ALA HB1  H N N 10  
ALA HB2  H N N 11  
ALA HB3  H N N 12  
ALA HXT  H N N 13  
ARG N    N N N 14  
ARG CA   C N S 15  
ARG C    C N N 16  
ARG O    O N N 17  
ARG CB   C N N 18  
ARG CG   C N N 19  
ARG CD   C N N 20  
ARG NE   N N N 21  
ARG CZ   C N N 22  
ARG NH1  N N N 23  
ARG NH2  N N N 24  
ARG OXT  O N N 25  
ARG H    H N N 26  
ARG H2   H N N 27  
ARG HA   H N N 28  
ARG HB2  H N N 29  
ARG HB3  H N N 30  
ARG HG2  H N N 31  
ARG HG3  H N N 32  
ARG HD2  H N N 33  
ARG HD3  H N N 34  
ARG HE   H N N 35  
ARG HH11 H N N 36  
ARG HH12 H N N 37  
ARG HH21 H N N 38  
ARG HH22 H N N 39  
ARG HXT  H N N 40  
CYS N    N N N 41  
CYS CA   C N R 42  
CYS C    C N N 43  
CYS O    O N N 44  
CYS CB   C N N 45  
CYS SG   S N N 46  
CYS OXT  O N N 47  
CYS H    H N N 48  
CYS H2   H N N 49  
CYS HA   H N N 50  
CYS HB2  H N N 51  
CYS HB3  H N N 52  
CYS HG   H N N 53  
CYS HXT  H N N 54  
GLN N    N N N 55  
GLN CA   C N S 56  
GLN C    C N N 57  
GLN O    O N N 58  
GLN CB   C N N 59  
GLN CG   C N N 60  
GLN CD   C N N 61  
GLN OE1  O N N 62  
GLN NE2  N N N 63  
GLN OXT  O N N 64  
GLN H    H N N 65  
GLN H2   H N N 66  
GLN HA   H N N 67  
GLN HB2  H N N 68  
GLN HB3  H N N 69  
GLN HG2  H N N 70  
GLN HG3  H N N 71  
GLN HE21 H N N 72  
GLN HE22 H N N 73  
GLN HXT  H N N 74  
GLU N    N N N 75  
GLU CA   C N S 76  
GLU C    C N N 77  
GLU O    O N N 78  
GLU CB   C N N 79  
GLU CG   C N N 80  
GLU CD   C N N 81  
GLU OE1  O N N 82  
GLU OE2  O N N 83  
GLU OXT  O N N 84  
GLU H    H N N 85  
GLU H2   H N N 86  
GLU HA   H N N 87  
GLU HB2  H N N 88  
GLU HB3  H N N 89  
GLU HG2  H N N 90  
GLU HG3  H N N 91  
GLU HE2  H N N 92  
GLU HXT  H N N 93  
GLY N    N N N 94  
GLY CA   C N N 95  
GLY C    C N N 96  
GLY O    O N N 97  
GLY OXT  O N N 98  
GLY H    H N N 99  
GLY H2   H N N 100 
GLY HA2  H N N 101 
GLY HA3  H N N 102 
GLY HXT  H N N 103 
ILE N    N N N 104 
ILE CA   C N S 105 
ILE C    C N N 106 
ILE O    O N N 107 
ILE CB   C N S 108 
ILE CG1  C N N 109 
ILE CG2  C N N 110 
ILE CD1  C N N 111 
ILE OXT  O N N 112 
ILE H    H N N 113 
ILE H2   H N N 114 
ILE HA   H N N 115 
ILE HB   H N N 116 
ILE HG12 H N N 117 
ILE HG13 H N N 118 
ILE HG21 H N N 119 
ILE HG22 H N N 120 
ILE HG23 H N N 121 
ILE HD11 H N N 122 
ILE HD12 H N N 123 
ILE HD13 H N N 124 
ILE HXT  H N N 125 
LEU N    N N N 126 
LEU CA   C N S 127 
LEU C    C N N 128 
LEU O    O N N 129 
LEU CB   C N N 130 
LEU CG   C N N 131 
LEU CD1  C N N 132 
LEU CD2  C N N 133 
LEU OXT  O N N 134 
LEU H    H N N 135 
LEU H2   H N N 136 
LEU HA   H N N 137 
LEU HB2  H N N 138 
LEU HB3  H N N 139 
LEU HG   H N N 140 
LEU HD11 H N N 141 
LEU HD12 H N N 142 
LEU HD13 H N N 143 
LEU HD21 H N N 144 
LEU HD22 H N N 145 
LEU HD23 H N N 146 
LEU HXT  H N N 147 
MET N    N N N 148 
MET CA   C N S 149 
MET C    C N N 150 
MET O    O N N 151 
MET CB   C N N 152 
MET CG   C N N 153 
MET SD   S N N 154 
MET CE   C N N 155 
MET OXT  O N N 156 
MET H    H N N 157 
MET H2   H N N 158 
MET HA   H N N 159 
MET HB2  H N N 160 
MET HB3  H N N 161 
MET HG2  H N N 162 
MET HG3  H N N 163 
MET HE1  H N N 164 
MET HE2  H N N 165 
MET HE3  H N N 166 
MET HXT  H N N 167 
PHE N    N N N 168 
PHE CA   C N S 169 
PHE C    C N N 170 
PHE O    O N N 171 
PHE CB   C N N 172 
PHE CG   C Y N 173 
PHE CD1  C Y N 174 
PHE CD2  C Y N 175 
PHE CE1  C Y N 176 
PHE CE2  C Y N 177 
PHE CZ   C Y N 178 
PHE OXT  O N N 179 
PHE H    H N N 180 
PHE H2   H N N 181 
PHE HA   H N N 182 
PHE HB2  H N N 183 
PHE HB3  H N N 184 
PHE HD1  H N N 185 
PHE HD2  H N N 186 
PHE HE1  H N N 187 
PHE HE2  H N N 188 
PHE HZ   H N N 189 
PHE HXT  H N N 190 
SER N    N N N 191 
SER CA   C N S 192 
SER C    C N N 193 
SER O    O N N 194 
SER CB   C N N 195 
SER OG   O N N 196 
SER OXT  O N N 197 
SER H    H N N 198 
SER H2   H N N 199 
SER HA   H N N 200 
SER HB2  H N N 201 
SER HB3  H N N 202 
SER HG   H N N 203 
SER HXT  H N N 204 
THR N    N N N 205 
THR CA   C N S 206 
THR C    C N N 207 
THR O    O N N 208 
THR CB   C N R 209 
THR OG1  O N N 210 
THR CG2  C N N 211 
THR OXT  O N N 212 
THR H    H N N 213 
THR H2   H N N 214 
THR HA   H N N 215 
THR HB   H N N 216 
THR HG1  H N N 217 
THR HG21 H N N 218 
THR HG22 H N N 219 
THR HG23 H N N 220 
THR HXT  H N N 221 
TRP N    N N N 222 
TRP CA   C N S 223 
TRP C    C N N 224 
TRP O    O N N 225 
TRP CB   C N N 226 
TRP CG   C Y N 227 
TRP CD1  C Y N 228 
TRP CD2  C Y N 229 
TRP NE1  N Y N 230 
TRP CE2  C Y N 231 
TRP CE3  C Y N 232 
TRP CZ2  C Y N 233 
TRP CZ3  C Y N 234 
TRP CH2  C Y N 235 
TRP OXT  O N N 236 
TRP H    H N N 237 
TRP H2   H N N 238 
TRP HA   H N N 239 
TRP HB2  H N N 240 
TRP HB3  H N N 241 
TRP HD1  H N N 242 
TRP HE1  H N N 243 
TRP HE3  H N N 244 
TRP HZ2  H N N 245 
TRP HZ3  H N N 246 
TRP HH2  H N N 247 
TRP HXT  H N N 248 
VAL N    N N N 249 
VAL CA   C N S 250 
VAL C    C N N 251 
VAL O    O N N 252 
VAL CB   C N N 253 
VAL CG1  C N N 254 
VAL CG2  C N N 255 
VAL OXT  O N N 256 
VAL H    H N N 257 
VAL H2   H N N 258 
VAL HA   H N N 259 
VAL HB   H N N 260 
VAL HG11 H N N 261 
VAL HG12 H N N 262 
VAL HG13 H N N 263 
VAL HG21 H N N 264 
VAL HG22 H N N 265 
VAL HG23 H N N 266 
VAL HXT  H N N 267 
# 
loop_
_chem_comp_bond.comp_id 
_chem_comp_bond.atom_id_1 
_chem_comp_bond.atom_id_2 
_chem_comp_bond.value_order 
_chem_comp_bond.pdbx_aromatic_flag 
_chem_comp_bond.pdbx_stereo_config 
_chem_comp_bond.pdbx_ordinal 
ALA N   CA   sing N N 1   
ALA N   H    sing N N 2   
ALA N   H2   sing N N 3   
ALA CA  C    sing N N 4   
ALA CA  CB   sing N N 5   
ALA CA  HA   sing N N 6   
ALA C   O    doub N N 7   
ALA C   OXT  sing N N 8   
ALA CB  HB1  sing N N 9   
ALA CB  HB2  sing N N 10  
ALA CB  HB3  sing N N 11  
ALA OXT HXT  sing N N 12  
ARG N   CA   sing N N 13  
ARG N   H    sing N N 14  
ARG N   H2   sing N N 15  
ARG CA  C    sing N N 16  
ARG CA  CB   sing N N 17  
ARG CA  HA   sing N N 18  
ARG C   O    doub N N 19  
ARG C   OXT  sing N N 20  
ARG CB  CG   sing N N 21  
ARG CB  HB2  sing N N 22  
ARG CB  HB3  sing N N 23  
ARG CG  CD   sing N N 24  
ARG CG  HG2  sing N N 25  
ARG CG  HG3  sing N N 26  
ARG CD  NE   sing N N 27  
ARG CD  HD2  sing N N 28  
ARG CD  HD3  sing N N 29  
ARG NE  CZ   sing N N 30  
ARG NE  HE   sing N N 31  
ARG CZ  NH1  sing N N 32  
ARG CZ  NH2  doub N N 33  
ARG NH1 HH11 sing N N 34  
ARG NH1 HH12 sing N N 35  
ARG NH2 HH21 sing N N 36  
ARG NH2 HH22 sing N N 37  
ARG OXT HXT  sing N N 38  
CYS N   CA   sing N N 39  
CYS N   H    sing N N 40  
CYS N   H2   sing N N 41  
CYS CA  C    sing N N 42  
CYS CA  CB   sing N N 43  
CYS CA  HA   sing N N 44  
CYS C   O    doub N N 45  
CYS C   OXT  sing N N 46  
CYS CB  SG   sing N N 47  
CYS CB  HB2  sing N N 48  
CYS CB  HB3  sing N N 49  
CYS SG  HG   sing N N 50  
CYS OXT HXT  sing N N 51  
GLN N   CA   sing N N 52  
GLN N   H    sing N N 53  
GLN N   H2   sing N N 54  
GLN CA  C    sing N N 55  
GLN CA  CB   sing N N 56  
GLN CA  HA   sing N N 57  
GLN C   O    doub N N 58  
GLN C   OXT  sing N N 59  
GLN CB  CG   sing N N 60  
GLN CB  HB2  sing N N 61  
GLN CB  HB3  sing N N 62  
GLN CG  CD   sing N N 63  
GLN CG  HG2  sing N N 64  
GLN CG  HG3  sing N N 65  
GLN CD  OE1  doub N N 66  
GLN CD  NE2  sing N N 67  
GLN NE2 HE21 sing N N 68  
GLN NE2 HE22 sing N N 69  
GLN OXT HXT  sing N N 70  
GLU N   CA   sing N N 71  
GLU N   H    sing N N 72  
GLU N   H2   sing N N 73  
GLU CA  C    sing N N 74  
GLU CA  CB   sing N N 75  
GLU CA  HA   sing N N 76  
GLU C   O    doub N N 77  
GLU C   OXT  sing N N 78  
GLU CB  CG   sing N N 79  
GLU CB  HB2  sing N N 80  
GLU CB  HB3  sing N N 81  
GLU CG  CD   sing N N 82  
GLU CG  HG2  sing N N 83  
GLU CG  HG3  sing N N 84  
GLU CD  OE1  doub N N 85  
GLU CD  OE2  sing N N 86  
GLU OE2 HE2  sing N N 87  
GLU OXT HXT  sing N N 88  
GLY N   CA   sing N N 89  
GLY N   H    sing N N 90  
GLY N   H2   sing N N 91  
GLY CA  C    sing N N 92  
GLY CA  HA2  sing N N 93  
GLY CA  HA3  sing N N 94  
GLY C   O    doub N N 95  
GLY C   OXT  sing N N 96  
GLY OXT HXT  sing N N 97  
ILE N   CA   sing N N 98  
ILE N   H    sing N N 99  
ILE N   H2   sing N N 100 
ILE CA  C    sing N N 101 
ILE CA  CB   sing N N 102 
ILE CA  HA   sing N N 103 
ILE C   O    doub N N 104 
ILE C   OXT  sing N N 105 
ILE CB  CG1  sing N N 106 
ILE CB  CG2  sing N N 107 
ILE CB  HB   sing N N 108 
ILE CG1 CD1  sing N N 109 
ILE CG1 HG12 sing N N 110 
ILE CG1 HG13 sing N N 111 
ILE CG2 HG21 sing N N 112 
ILE CG2 HG22 sing N N 113 
ILE CG2 HG23 sing N N 114 
ILE CD1 HD11 sing N N 115 
ILE CD1 HD12 sing N N 116 
ILE CD1 HD13 sing N N 117 
ILE OXT HXT  sing N N 118 
LEU N   CA   sing N N 119 
LEU N   H    sing N N 120 
LEU N   H2   sing N N 121 
LEU CA  C    sing N N 122 
LEU CA  CB   sing N N 123 
LEU CA  HA   sing N N 124 
LEU C   O    doub N N 125 
LEU C   OXT  sing N N 126 
LEU CB  CG   sing N N 127 
LEU CB  HB2  sing N N 128 
LEU CB  HB3  sing N N 129 
LEU CG  CD1  sing N N 130 
LEU CG  CD2  sing N N 131 
LEU CG  HG   sing N N 132 
LEU CD1 HD11 sing N N 133 
LEU CD1 HD12 sing N N 134 
LEU CD1 HD13 sing N N 135 
LEU CD2 HD21 sing N N 136 
LEU CD2 HD22 sing N N 137 
LEU CD2 HD23 sing N N 138 
LEU OXT HXT  sing N N 139 
MET N   CA   sing N N 140 
MET N   H    sing N N 141 
MET N   H2   sing N N 142 
MET CA  C    sing N N 143 
MET CA  CB   sing N N 144 
MET CA  HA   sing N N 145 
MET C   O    doub N N 146 
MET C   OXT  sing N N 147 
MET CB  CG   sing N N 148 
MET CB  HB2  sing N N 149 
MET CB  HB3  sing N N 150 
MET CG  SD   sing N N 151 
MET CG  HG2  sing N N 152 
MET CG  HG3  sing N N 153 
MET SD  CE   sing N N 154 
MET CE  HE1  sing N N 155 
MET CE  HE2  sing N N 156 
MET CE  HE3  sing N N 157 
MET OXT HXT  sing N N 158 
PHE N   CA   sing N N 159 
PHE N   H    sing N N 160 
PHE N   H2   sing N N 161 
PHE CA  C    sing N N 162 
PHE CA  CB   sing N N 163 
PHE CA  HA   sing N N 164 
PHE C   O    doub N N 165 
PHE C   OXT  sing N N 166 
PHE CB  CG   sing N N 167 
PHE CB  HB2  sing N N 168 
PHE CB  HB3  sing N N 169 
PHE CG  CD1  doub Y N 170 
PHE CG  CD2  sing Y N 171 
PHE CD1 CE1  sing Y N 172 
PHE CD1 HD1  sing N N 173 
PHE CD2 CE2  doub Y N 174 
PHE CD2 HD2  sing N N 175 
PHE CE1 CZ   doub Y N 176 
PHE CE1 HE1  sing N N 177 
PHE CE2 CZ   sing Y N 178 
PHE CE2 HE2  sing N N 179 
PHE CZ  HZ   sing N N 180 
PHE OXT HXT  sing N N 181 
SER N   CA   sing N N 182 
SER N   H    sing N N 183 
SER N   H2   sing N N 184 
SER CA  C    sing N N 185 
SER CA  CB   sing N N 186 
SER CA  HA   sing N N 187 
SER C   O    doub N N 188 
SER C   OXT  sing N N 189 
SER CB  OG   sing N N 190 
SER CB  HB2  sing N N 191 
SER CB  HB3  sing N N 192 
SER OG  HG   sing N N 193 
SER OXT HXT  sing N N 194 
THR N   CA   sing N N 195 
THR N   H    sing N N 196 
THR N   H2   sing N N 197 
THR CA  C    sing N N 198 
THR CA  CB   sing N N 199 
THR CA  HA   sing N N 200 
THR C   O    doub N N 201 
THR C   OXT  sing N N 202 
THR CB  OG1  sing N N 203 
THR CB  CG2  sing N N 204 
THR CB  HB   sing N N 205 
THR OG1 HG1  sing N N 206 
THR CG2 HG21 sing N N 207 
THR CG2 HG22 sing N N 208 
THR CG2 HG23 sing N N 209 
THR OXT HXT  sing N N 210 
TRP N   CA   sing N N 211 
TRP N   H    sing N N 212 
TRP N   H2   sing N N 213 
TRP CA  C    sing N N 214 
TRP CA  CB   sing N N 215 
TRP CA  HA   sing N N 216 
TRP C   O    doub N N 217 
TRP C   OXT  sing N N 218 
TRP CB  CG   sing N N 219 
TRP CB  HB2  sing N N 220 
TRP CB  HB3  sing N N 221 
TRP CG  CD1  doub Y N 222 
TRP CG  CD2  sing Y N 223 
TRP CD1 NE1  sing Y N 224 
TRP CD1 HD1  sing N N 225 
TRP CD2 CE2  doub Y N 226 
TRP CD2 CE3  sing Y N 227 
TRP NE1 CE2  sing Y N 228 
TRP NE1 HE1  sing N N 229 
TRP CE2 CZ2  sing Y N 230 
TRP CE3 CZ3  doub Y N 231 
TRP CE3 HE3  sing N N 232 
TRP CZ2 CH2  doub Y N 233 
TRP CZ2 HZ2  sing N N 234 
TRP CZ3 CH2  sing Y N 235 
TRP CZ3 HZ3  sing N N 236 
TRP CH2 HH2  sing N N 237 
TRP OXT HXT  sing N N 238 
VAL N   CA   sing N N 239 
VAL N   H    sing N N 240 
VAL N   H2   sing N N 241 
VAL CA  C    sing N N 242 
VAL CA  CB   sing N N 243 
VAL CA  HA   sing N N 244 
VAL C   O    doub N N 245 
VAL C   OXT  sing N N 246 
VAL CB  CG1  sing N N 247 
VAL CB  CG2  sing N N 248 
VAL CB  HB   sing N N 249 
VAL CG1 HG11 sing N N 250 
VAL CG1 HG12 sing N N 251 
VAL CG1 HG13 sing N N 252 
VAL CG2 HG21 sing N N 253 
VAL CG2 HG22 sing N N 254 
VAL CG2 HG23 sing N N 255 
VAL OXT HXT  sing N N 256 
# 
loop_
_pdbx_coordinate_model.asym_id 
_pdbx_coordinate_model.type 
A 'CA ATOMS ONLY' 
B 'CA ATOMS ONLY' 
C 'CA ATOMS ONLY' 
D 'CA ATOMS ONLY' 
# 
_pdbx_nmr_spectrometer.spectrometer_id   1 
_pdbx_nmr_spectrometer.model             EMX 
_pdbx_nmr_spectrometer.manufacturer      Bruker 
_pdbx_nmr_spectrometer.field_strength    3400 
_pdbx_nmr_spectrometer.type              ? 
# 
_atom_sites.entry_id                    1JQ1 
_atom_sites.fract_transf_matrix[1][1]   1.000000 
_atom_sites.fract_transf_matrix[1][2]   0.000000 
_atom_sites.fract_transf_matrix[1][3]   0.000000 
_atom_sites.fract_transf_matrix[2][1]   0.000000 
_atom_sites.fract_transf_matrix[2][2]   1.000000 
_atom_sites.fract_transf_matrix[2][3]   0.000000 
_atom_sites.fract_transf_matrix[3][1]   0.000000 
_atom_sites.fract_transf_matrix[3][2]   0.000000 
_atom_sites.fract_transf_matrix[3][3]   1.000000 
_atom_sites.fract_transf_vector[1]      0.00000 
_atom_sites.fract_transf_vector[2]      0.00000 
_atom_sites.fract_transf_vector[3]      0.00000 
# 
_atom_type.symbol   C 
# 
loop_
_atom_site.group_PDB 
_atom_site.id 
_atom_site.type_symbol 
_atom_site.label_atom_id 
_atom_site.label_alt_id 
_atom_site.label_comp_id 
_atom_site.label_asym_id 
_atom_site.label_entity_id 
_atom_site.label_seq_id 
_atom_site.pdbx_PDB_ins_code 
_atom_site.Cartn_x 
_atom_site.Cartn_y 
_atom_site.Cartn_z 
_atom_site.occupancy 
_atom_site.B_iso_or_equiv 
_atom_site.pdbx_formal_charge 
_atom_site.auth_seq_id 
_atom_site.auth_comp_id 
_atom_site.auth_asym_id 
_atom_site.auth_atom_id 
_atom_site.pdbx_PDB_model_num 
ATOM 1   C CA . LEU A 1 1  ? -2.221  22.167  -19.157 1.00 0.00 ? 86  LEU A CA 1 
ATOM 2   C CA . TRP A 1 2  ? -2.605  18.335  -19.473 1.00 0.00 ? 87  TRP A CA 1 
ATOM 3   C CA . GLY A 1 3  ? 1.146   17.343  -19.435 1.00 0.00 ? 88  GLY A CA 1 
ATOM 4   C CA . ARG A 1 4  ? 1.125   17.784  -15.590 1.00 0.00 ? 89  ARG A CA 1 
ATOM 5   C CA . CYS A 1 5  ? -2.015  15.565  -15.402 1.00 0.00 ? 90  CYS A CA 1 
ATOM 6   C CA . VAL A 1 6  ? -0.091  12.856  -17.374 1.00 0.00 ? 91  VAL A CA 1 
ATOM 7   C CA . ALA A 1 7  ? 2.800   13.416  -14.893 1.00 0.00 ? 92  ALA A CA 1 
ATOM 8   C CA . VAL A 1 8  ? 0.397   12.804  -11.910 1.00 0.00 ? 93  VAL A CA 1 
ATOM 9   C CA . VAL A 1 9  ? -0.962  9.637   -13.690 1.00 0.00 ? 94  VAL A CA 1 
ATOM 10  C CA . VAL A 1 10 ? 2.532   8.103   -14.290 1.00 0.00 ? 95  VAL A CA 1 
ATOM 11  C CA . MET A 1 11 ? 3.598   9.173   -10.730 1.00 0.00 ? 96  MET A CA 1 
ATOM 12  C CA . VAL A 1 12 ? 0.635   7.371   -9.041  1.00 0.00 ? 97  VAL A CA 1 
ATOM 13  C CA . ALA A 1 13 ? 1.052   4.411   -11.477 1.00 0.00 ? 98  ALA A CA 1 
ATOM 14  C CA . GLY A 1 14 ? 4.790   4.224   -10.510 1.00 0.00 ? 99  GLY A CA 1 
ATOM 15  C CA . ILE A 1 15 ? 4.006   4.378   -6.735  1.00 0.00 ? 100 ILE A CA 1 
ATOM 16  C CA . THR A 1 16 ? 1.303   1.713   -7.441  1.00 0.00 ? 101 THR A CA 1 
ATOM 17  C CA . SER A 1 17 ? 3.709   -0.526  -9.481  1.00 0.00 ? 102 SER A CA 1 
ATOM 18  C CA . PHE A 1 18 ? 6.429   -0.626  -6.788  1.00 0.00 ? 103 PHE A CA 1 
ATOM 19  C CA . GLY A 1 19 ? 3.699   -1.001  -4.061  1.00 0.00 ? 104 GLY A CA 1 
ATOM 20  C CA . LEU A 1 20 ? 2.472   -3.971  -6.211  1.00 0.00 ? 105 LEU A CA 1 
ATOM 21  C CA . VAL A 1 21 ? 5.894   -5.774  -6.394  1.00 0.00 ? 106 VAL A CA 1 
ATOM 22  C CA . THR A 1 22 ? 5.990   -5.000  -2.629  1.00 0.00 ? 107 THR A CA 1 
ATOM 23  C CA . ALA A 1 23 ? 2.522   -6.425  -1.649  1.00 0.00 ? 108 ALA A CA 1 
ATOM 24  C CA . ALA A 1 24 ? 3.112   -10.147 -2.480  1.00 0.00 ? 109 ALA A CA 1 
ATOM 25  C CA . LEU A 1 25 ? 6.477   -10.697 -0.669  1.00 0.00 ? 110 LEU A CA 1 
ATOM 26  C CA . ALA A 1 26 ? 4.917   -10.497 2.880   1.00 0.00 ? 111 ALA A CA 1 
ATOM 27  C CA . THR A 1 27 ? 1.934   -12.813 2.193   1.00 0.00 ? 112 THR A CA 1 
ATOM 28  C CA . TRP A 1 28 ? 4.751   -15.074 0.859   1.00 0.00 ? 113 TRP A CA 1 
ATOM 29  C CA . PHE A 1 29 ? 6.742   -14.491 4.153   1.00 0.00 ? 114 PHE A CA 1 
ATOM 30  C CA . VAL A 1 30 ? 3.575   -15.130 6.320   1.00 0.00 ? 115 VAL A CA 1 
ATOM 31  C CA . GLY A 1 31 ? 3.681   -18.502 4.459   1.00 0.00 ? 116 GLY A CA 1 
ATOM 32  C CA . ARG A 1 32 ? 6.208   -19.235 7.345   1.00 0.00 ? 117 ARG A CA 1 
ATOM 33  C CA . GLU A 1 33 ? 3.604   -19.360 10.132  1.00 0.00 ? 118 GLU A CA 1 
ATOM 34  C CA . GLN A 1 34 ? 4.665   -23.027 9.326   1.00 0.00 ? 119 GLN A CA 1 
ATOM 35  C CA . LEU B 1 1  ? 24.628  14.391  -6.838  1.00 0.00 ? 86  LEU B CA 1 
ATOM 36  C CA . TRP B 1 2  ? 23.783  10.645  -6.409  1.00 0.00 ? 87  TRP B CA 1 
ATOM 37  C CA . GLY B 1 3  ? 23.697  10.486  -2.531  1.00 0.00 ? 88  GLY B CA 1 
ATOM 38  C CA . ARG B 1 4  ? 20.158  12.051  -2.645  1.00 0.00 ? 89  ARG B CA 1 
ATOM 39  C CA . CYS B 1 5  ? 19.125  9.403   -5.246  1.00 0.00 ? 90  CYS B CA 1 
ATOM 40  C CA . VAL B 1 6  ? 20.332  6.674   -2.791  1.00 0.00 ? 91  VAL B CA 1 
ATOM 41  C CA . ALA B 1 7  ? 18.314  8.531   -0.084  1.00 0.00 ? 92  ALA B CA 1 
ATOM 42  C CA . VAL B 1 8  ? 15.132  8.369   -2.298  1.00 0.00 ? 93  VAL B CA 1 
ATOM 43  C CA . VAL B 1 9  ? 15.813  4.612   -2.952  1.00 0.00 ? 94  VAL B CA 1 
ATOM 44  C CA . VAL B 1 10 ? 16.167  3.712   0.791   1.00 0.00 ? 95  VAL B CA 1 
ATOM 45  C CA . MET B 1 11 ? 13.147  5.987   1.604   1.00 0.00 ? 96  MET B CA 1 
ATOM 46  C CA . VAL B 1 12 ? 10.818  4.199   -0.899  1.00 0.00 ? 97  VAL B CA 1 
ATOM 47  C CA . ALA B 1 13 ? 12.322  0.803   0.145   1.00 0.00 ? 98  ALA B CA 1 
ATOM 48  C CA . GLY B 1 14 ? 11.566  1.681   3.836   1.00 0.00 ? 99  GLY B CA 1 
ATOM 49  C CA . ILE B 1 15 ? 7.949   2.741   3.003   1.00 0.00 ? 100 ILE B CA 1 
ATOM 50  C CA . THR B 1 16 ? 7.711   -0.522  0.951   1.00 0.00 ? 101 THR B CA 1 
ATOM 51  C CA . SER B 1 17 ? 9.163   -2.679  3.807   1.00 0.00 ? 102 SER B CA 1 
ATOM 52  C CA . PHE B 1 18 ? 6.713   -1.399  6.454   1.00 0.00 ? 103 PHE B CA 1 
ATOM 53  C CA . GLY B 1 19 ? 3.837   -1.519  3.852   1.00 0.00 ? 104 GLY B CA 1 
ATOM 54  C CA . LEU B 1 20 ? 4.920   -5.196  3.339   1.00 0.00 ? 105 LEU B CA 1 
ATOM 55  C CA . VAL B 1 21 ? 4.856   -6.174  7.091   1.00 0.00 ? 106 VAL B CA 1 
ATOM 56  C CA . THR B 1 22 ? 1.486   -4.343  7.002   1.00 0.00 ? 107 THR B CA 1 
ATOM 57  C CA . ALA B 1 23 ? -0.158  -6.026  3.922   1.00 0.00 ? 108 ALA B CA 1 
ATOM 58  C CA . ALA B 1 24 ? -0.463  -9.659  5.189   1.00 0.00 ? 109 ALA B CA 1 
ATOM 59  C CA . LEU B 1 25 ? -2.190  -8.925  8.561   1.00 0.00 ? 110 LEU B CA 1 
ATOM 60  C CA . ALA B 1 26 ? -5.615  -8.018  6.974   1.00 0.00 ? 111 ALA B CA 1 
ATOM 61  C CA . THR B 1 27 ? -5.759  -10.995 4.564   1.00 0.00 ? 112 THR B CA 1 
ATOM 62  C CA . TRP B 1 28 ? -4.997  -12.921 7.809   1.00 0.00 ? 113 TRP B CA 1 
ATOM 63  C CA . PHE B 1 29 ? -7.852  -10.981 9.615   1.00 0.00 ? 114 PHE B CA 1 
ATOM 64  C CA . VAL B 1 30 ? -10.293 -11.541 6.642   1.00 0.00 ? 115 VAL B CA 1 
ATOM 65  C CA . GLY B 1 31 ? -9.499  -15.227 7.450   1.00 0.00 ? 116 GLY B CA 1 
ATOM 66  C CA . ARG B 1 32 ? -12.289 -14.549 10.088  1.00 0.00 ? 117 ARG B CA 1 
ATOM 67  C CA . GLU B 1 33 ? -15.147 -14.371 7.566   1.00 0.00 ? 118 GLU B CA 1 
ATOM 68  C CA . GLN B 1 34 ? -15.422 -17.802 9.409   1.00 0.00 ? 119 GLN B CA 1 
ATOM 69  C CA . LEU C 1 1  ? 12.326  16.203  21.049  1.00 0.00 ? 86  LEU C CA 1 
ATOM 70  C CA . TRP C 1 2  ? 10.784  12.663  20.991  1.00 0.00 ? 87  TRP C CA 1 
ATOM 71  C CA . GLY C 1 3  ? 7.029   13.636  20.969  1.00 0.00 ? 88  GLY C CA 1 
ATOM 72  C CA . ARG C 1 4  ? 7.342   14.377  17.185  1.00 0.00 ? 89  ARG C CA 1 
ATOM 73  C CA . CYS C 1 5  ? 8.995   10.932  16.696  1.00 0.00 ? 90  CYS C CA 1 
ATOM 74  C CA . VAL C 1 6  ? 5.952   9.337   18.460  1.00 0.00 ? 91  VAL C CA 1 
ATOM 75  C CA . ALA C 1 7  ? 3.758   11.476  16.131  1.00 0.00 ? 92  ALA C CA 1 
ATOM 76  C CA . VAL C 1 8  ? 5.613   10.055  13.034  1.00 0.00 ? 93  VAL C CA 1 
ATOM 77  C CA . VAL C 1 9  ? 5.204   6.475   14.460  1.00 0.00 ? 94  VAL C CA 1 
ATOM 78  C CA . VAL C 1 10 ? 1.394   6.798   15.025  1.00 0.00 ? 95  VAL C CA 1 
ATOM 79  C CA . MET C 1 11 ? 1.065   8.595   11.616  1.00 0.00 ? 96  MET C CA 1 
ATOM 80  C CA . VAL C 1 12 ? 2.799   5.752   9.668   1.00 0.00 ? 97  VAL C CA 1 
ATOM 81  C CA . ALA C 1 13 ? 0.905   3.156   11.806  1.00 0.00 ? 98  ALA C CA 1 
ATOM 82  C CA . GLY C 1 14 ? -2.423  4.928   10.957  1.00 0.00 ? 99  GLY C CA 1 
ATOM 83  C CA . ILE C 1 15 ? -1.565  5.056   7.198   1.00 0.00 ? 100 ILE C CA 1 
ATOM 84  C CA . THR C 1 16 ? -0.532  1.349   7.534   1.00 0.00 ? 101 THR C CA 1 
ATOM 85  C CA . SER C 1 17 ? -3.824  0.413   9.325   1.00 0.00 ? 102 SER C CA 1 
ATOM 86  C CA . PHE C 1 18 ? -6.129  2.051   6.738   1.00 0.00 ? 103 PHE C CA 1 
ATOM 87  C CA . GLY C 1 19 ? -3.930  0.537   3.927   1.00 0.00 ? 104 GLY C CA 1 
ATOM 88  C CA . LEU C 1 20 ? -4.332  -2.853  5.754   1.00 0.00 ? 105 LEU C CA 1 
ATOM 89  C CA . VAL C 1 21 ? -8.206  -2.850  6.005   1.00 0.00 ? 106 VAL C CA 1 
ATOM 90  C CA . THR C 1 22 ? -7.943  -1.799  2.321   1.00 0.00 ? 107 THR C CA 1 
ATOM 91  C CA . ALA C 1 23 ? -5.550  -4.551  1.012   1.00 0.00 ? 108 ALA C CA 1 
ATOM 92  C CA . ALA C 1 24 ? -7.811  -7.629  1.540   1.00 0.00 ? 109 ALA C CA 1 
ATOM 93  C CA . LEU C 1 25 ? -10.955 -6.257  -0.232  1.00 0.00 ? 110 LEU C CA 1 
ATOM 94  C CA . ALA C 1 26 ? -9.377  -6.462  -3.767  1.00 0.00 ? 111 ALA C CA 1 
ATOM 95  C CA . THR C 1 27 ? -7.960  -10.006 -3.358  1.00 0.00 ? 112 THR C CA 1 
ATOM 96  C CA . TRP C 1 28 ? -11.551 -10.742 -2.180  1.00 0.00 ? 113 TRP C CA 1 
ATOM 97  C CA . PHE C 1 29 ? -12.924 -8.947  -5.348  1.00 0.00 ? 114 PHE C CA 1 
ATOM 98  C CA . VAL C 1 30 ? -10.403 -10.825 -7.637  1.00 0.00 ? 115 VAL C CA 1 
ATOM 99  C CA . GLY C 1 31 ? -12.175 -13.881 -6.083  1.00 0.00 ? 116 GLY C CA 1 
ATOM 100 C CA . ARG C 1 32 ? -14.693 -13.019 -8.935  1.00 0.00 ? 117 ARG C CA 1 
ATOM 101 C CA . GLU C 1 33 ? -12.424 -14.140 -11.790 1.00 0.00 ? 118 GLU C CA 1 
ATOM 102 C CA . GLN C 1 34 ? -15.179 -16.872 -11.351 1.00 0.00 ? 119 GLN C CA 1 
ATOM 103 C CA . LEU D 1 1  ? -14.501 23.973  8.755   1.00 0.00 ? 86  LEU D CA 1 
ATOM 104 C CA . TRP D 1 2  ? -15.591 20.353  7.965   1.00 0.00 ? 87  TRP D CA 1 
ATOM 105 C CA . GLY D 1 3  ? -15.510 20.522  4.090   1.00 0.00 ? 88  GLY D CA 1 
ATOM 106 C CA . ARG D 1 4  ? -11.660 20.131  4.250   1.00 0.00 ? 89  ARG D CA 1 
ATOM 107 C CA . CYS D 1 5  ? -12.120 17.094  6.575   1.00 0.00 ? 90  CYS D CA 1 
ATOM 108 C CA . VAL D 1 6  ? -14.459 15.543  3.919   1.00 0.00 ? 91  VAL D CA 1 
ATOM 109 C CA . ALA D 1 7  ? -11.734 16.401  1.336   1.00 0.00 ? 92  ALA D CA 1 
ATOM 110 C CA . VAL D 1 8  ? -9.094  14.507  3.453   1.00 0.00 ? 93  VAL D CA 1 
ATOM 111 C CA . VAL D 1 9  ? -11.543 11.519  3.788   1.00 0.00 ? 94  VAL D CA 1 
ATOM 112 C CA . VAL D 1 10 ? -12.202 11.239  -0.008  1.00 0.00 ? 95  VAL D CA 1 
ATOM 113 C CA . MET D 1 11 ? -8.437  11.821  -0.690  1.00 0.00 ? 96  MET D CA 1 
ATOM 114 C CA . VAL D 1 12 ? -7.327  8.922   1.601   1.00 0.00 ? 97  VAL D CA 1 
ATOM 115 C CA . ALA D 1 13 ? -10.261 6.774   0.295   1.00 0.00 ? 98  ALA D CA 1 
ATOM 116 C CA . GLY D 1 14 ? -9.092  7.514   -3.317  1.00 0.00 ? 99  GLY D CA 1 
ATOM 117 C CA . ILE D 1 15 ? -5.421  6.635   -2.504  1.00 0.00 ? 100 ILE D CA 1 
ATOM 118 C CA . THR D 1 16 ? -6.821  3.510   -0.721  1.00 0.00 ? 101 THR D CA 1 
ATOM 119 C CA . SER D 1 17 ? -9.049  2.538   -3.732  1.00 0.00 ? 102 SER D CA 1 
ATOM 120 C CA . PHE D 1 18 ? -6.243  2.768   -6.334  1.00 0.00 ? 103 PHE D CA 1 
ATOM 121 C CA . GLY D 1 19 ? -3.887  0.935   -3.861  1.00 0.00 ? 104 GLY D CA 1 
ATOM 122 C CA . LEU D 1 20 ? -6.700  -1.700  -3.564  1.00 0.00 ? 105 LEU D CA 1 
ATOM 123 C CA . VAL D 1 21 ? -7.057  -2.414  -7.355  1.00 0.00 ? 106 VAL D CA 1 
ATOM 124 C CA . THR D 1 22 ? -3.214  -2.469  -7.272  1.00 0.00 ? 107 THR D CA 1 
ATOM 125 C CA . ALA D 1 23 ? -2.739  -5.000  -4.379  1.00 0.00 ? 108 ALA D CA 1 
ATOM 126 C CA . ALA D 1 24 ? -4.233  -8.123  -6.079  1.00 0.00 ? 109 ALA D CA 1 
ATOM 127 C CA . LEU D 1 25 ? -2.323  -7.984  -9.433  1.00 0.00 ? 110 LEU D CA 1 
ATOM 128 C CA . ALA D 1 26 ? 1.091   -8.937  -7.856  1.00 0.00 ? 111 ALA D CA 1 
ATOM 129 C CA . THR D 1 27 ? -0.241  -11.827 -5.705  1.00 0.00 ? 112 THR D CA 1 
ATOM 130 C CA . TRP D 1 28 ? -1.800  -12.895 -9.060  1.00 0.00 ? 113 TRP D CA 1 
ATOM 131 C CA . PHE D 1 29 ? 1.670   -12.427 -10.759 1.00 0.00 ? 114 PHE D CA 1 
ATOM 132 C CA . VAL D 1 30 ? 3.462   -14.362 -7.905  1.00 0.00 ? 115 VAL D CA 1 
ATOM 133 C CA . GLY D 1 31 ? 0.966   -17.096 -8.994  1.00 0.00 ? 116 GLY D CA 1 
ATOM 134 C CA . ARG D 1 32 ? 3.749   -17.642 -11.669 1.00 0.00 ? 117 ARG D CA 1 
ATOM 135 C CA . GLU D 1 33 ? 6.300   -19.126 -9.253  1.00 0.00 ? 118 GLU D CA 1 
ATOM 136 C CA . GLN D 1 34 ? 4.921   -22.067 -11.421 1.00 0.00 ? 119 GLN D CA 1 
# 
